data_2R55
#
_entry.id   2R55
#
_cell.length_a   62.870
_cell.length_b   62.870
_cell.length_c   214.930
_cell.angle_alpha   90.00
_cell.angle_beta   90.00
_cell.angle_gamma   120.00
#
_symmetry.space_group_name_H-M   'P 65'
#
loop_
_entity.id
_entity.type
_entity.pdbx_description
1 polymer 'StAR-related lipid transfer protein 5'
2 water water
#
_entity_poly.entity_id   1
_entity_poly.type   'polypeptide(L)'
_entity_poly.pdbx_seq_one_letter_code
;MHHHHHHSSGVDLGTENLYFQSMAAQMSEAVAEKMLQYRRDTAGWKICREGNGVSVSWRPSVEFPGNLYRGEGIVYGTLE
EVWDCVKPAVGGLRVKWDENVTGFEIIQSITDTLCVSRTSTPSAAMKLISPRDFVDLVLVKRYEDGTISSNATHVEHPLC
PPKPGFVRGFNHPCGCFCEPLPGEPTKTNLVTFFHTDLSGYLPQNVVDSFFPRSMTRFYANLQKAVKQFHE
;
_entity_poly.pdbx_strand_id   A,B
#
# COMPACT_ATOMS: atom_id res chain seq x y z
N PHE A 20 -1.34 -36.54 1.27
CA PHE A 20 -0.97 -35.14 0.92
C PHE A 20 -1.07 -34.23 2.12
N GLN A 21 -2.26 -34.21 2.72
CA GLN A 21 -2.54 -33.42 3.92
C GLN A 21 -1.46 -33.68 4.95
N SER A 22 -1.33 -34.95 5.32
CA SER A 22 -0.42 -35.43 6.35
C SER A 22 1.04 -34.97 6.18
N MET A 23 1.39 -34.47 5.01
CA MET A 23 2.76 -34.05 4.81
C MET A 23 2.90 -32.56 4.47
N ALA A 24 1.92 -32.04 3.75
CA ALA A 24 1.72 -30.60 3.68
C ALA A 24 1.67 -30.02 5.10
N ALA A 25 0.91 -30.68 5.97
CA ALA A 25 0.83 -30.29 7.38
C ALA A 25 2.16 -30.53 8.06
N GLN A 26 2.84 -31.59 7.65
CA GLN A 26 4.04 -32.04 8.33
C GLN A 26 5.22 -31.09 8.13
N MET A 27 5.60 -30.80 6.89
CA MET A 27 6.76 -29.96 6.66
C MET A 27 6.54 -28.53 7.12
N SER A 28 5.28 -28.11 7.17
CA SER A 28 4.93 -26.82 7.74
C SER A 28 5.02 -26.83 9.25
N GLU A 29 4.67 -27.97 9.87
CA GLU A 29 4.84 -28.14 11.32
C GLU A 29 6.30 -28.06 11.73
N ALA A 30 7.16 -28.73 10.98
CA ALA A 30 8.62 -28.57 11.13
C ALA A 30 9.04 -27.09 11.13
N VAL A 31 8.38 -26.30 10.30
CA VAL A 31 8.75 -24.89 10.11
C VAL A 31 8.50 -24.10 11.38
N ALA A 32 7.27 -24.19 11.88
CA ALA A 32 6.90 -23.60 13.15
C ALA A 32 7.77 -24.10 14.32
N GLU A 33 8.07 -25.39 14.35
CA GLU A 33 9.00 -25.94 15.37
C GLU A 33 10.34 -25.19 15.39
N LYS A 34 10.91 -24.96 14.19
CA LYS A 34 12.15 -24.20 14.06
C LYS A 34 11.99 -22.76 14.50
N MET A 35 10.87 -22.18 14.10
CA MET A 35 10.54 -20.85 14.49
C MET A 35 10.46 -20.74 16.00
N LEU A 36 9.80 -21.69 16.64
CA LEU A 36 9.74 -21.72 18.09
C LEU A 36 11.13 -21.73 18.72
N GLN A 37 12.04 -22.51 18.14
CA GLN A 37 13.40 -22.58 18.65
C GLN A 37 14.15 -21.27 18.43
N TYR A 38 13.93 -20.62 17.28
CA TYR A 38 14.51 -19.29 17.03
C TYR A 38 14.03 -18.25 18.05
N ARG A 39 12.82 -18.43 18.59
CA ARG A 39 12.26 -17.44 19.47
C ARG A 39 12.86 -17.57 20.86
N ARG A 40 13.15 -18.82 21.23
CA ARG A 40 13.65 -19.10 22.56
C ARG A 40 15.16 -18.92 22.62
N ASP A 41 15.87 -19.29 21.55
CA ASP A 41 17.32 -19.27 21.60
C ASP A 41 17.85 -17.89 21.94
N THR A 42 18.87 -17.84 22.79
CA THR A 42 19.52 -16.57 23.07
C THR A 42 20.97 -16.57 22.56
N ALA A 43 21.40 -17.70 22.02
CA ALA A 43 22.78 -17.87 21.57
C ALA A 43 22.95 -17.55 20.10
N GLY A 44 24.19 -17.33 19.70
CA GLY A 44 24.51 -16.99 18.33
C GLY A 44 24.22 -15.53 18.04
N TRP A 45 23.05 -15.05 18.49
CA TRP A 45 22.56 -13.70 18.17
C TRP A 45 23.55 -12.54 18.42
N LYS A 46 24.01 -11.91 17.33
CA LYS A 46 24.91 -10.73 17.43
C LYS A 46 24.14 -9.49 16.98
N ILE A 47 24.13 -8.46 17.81
CA ILE A 47 23.32 -7.26 17.58
C ILE A 47 23.78 -6.43 16.35
N CYS A 48 22.82 -5.97 15.54
CA CYS A 48 23.13 -5.05 14.43
C CYS A 48 22.99 -3.62 14.93
N ARG A 49 21.76 -3.26 15.24
CA ARG A 49 21.39 -1.91 15.60
C ARG A 49 20.22 -1.93 16.58
N GLU A 50 19.80 -0.74 17.00
CA GLU A 50 18.69 -0.55 17.93
C GLU A 50 18.11 0.85 17.72
N GLY A 51 17.64 1.46 18.81
CA GLY A 51 17.04 2.78 18.75
C GLY A 51 15.56 2.73 19.08
N ASN A 52 14.81 3.69 18.52
CA ASN A 52 13.38 3.83 18.82
C ASN A 52 12.55 2.58 18.52
N GLY A 53 11.97 2.03 19.59
CA GLY A 53 11.05 0.90 19.50
C GLY A 53 11.68 -0.45 19.23
N VAL A 54 12.49 -0.54 18.18
CA VAL A 54 12.98 -1.81 17.65
C VAL A 54 14.38 -2.19 18.10
N SER A 55 14.75 -3.42 17.77
CA SER A 55 16.06 -3.99 18.02
C SER A 55 16.25 -5.15 17.04
N VAL A 56 17.33 -5.10 16.27
CA VAL A 56 17.56 -6.18 15.34
C VAL A 56 18.93 -6.80 15.58
N SER A 57 18.98 -8.12 15.46
CA SER A 57 20.22 -8.86 15.56
C SER A 57 20.18 -9.95 14.51
N TRP A 58 21.30 -10.64 14.32
CA TRP A 58 21.40 -11.63 13.26
C TRP A 58 22.20 -12.82 13.79
N ARG A 59 22.22 -13.89 13.00
CA ARG A 59 23.16 -14.98 13.18
C ARG A 59 23.24 -15.82 11.91
N PRO A 60 24.33 -16.60 11.73
CA PRO A 60 24.39 -17.46 10.55
C PRO A 60 23.20 -18.42 10.52
N SER A 61 22.52 -18.49 9.38
CA SER A 61 21.50 -19.48 9.12
C SER A 61 22.17 -20.82 8.99
N VAL A 62 21.48 -21.89 9.41
CA VAL A 62 21.91 -23.26 9.09
C VAL A 62 21.16 -23.78 7.83
N GLU A 63 20.23 -22.99 7.30
CA GLU A 63 19.43 -23.38 6.14
C GLU A 63 20.12 -23.10 4.80
N PHE A 64 21.03 -22.11 4.76
CA PHE A 64 21.68 -21.65 3.53
C PHE A 64 22.91 -20.81 3.92
N PRO A 65 23.83 -20.53 2.96
CA PRO A 65 25.03 -19.74 3.28
C PRO A 65 24.77 -18.47 4.13
N GLY A 66 23.70 -17.73 3.85
CA GLY A 66 23.43 -16.43 4.50
C GLY A 66 23.03 -16.39 5.98
N ASN A 67 22.25 -15.38 6.35
CA ASN A 67 21.94 -15.14 7.75
C ASN A 67 20.45 -15.24 8.09
N LEU A 68 20.16 -15.33 9.39
CA LEU A 68 18.80 -15.22 9.90
C LEU A 68 18.74 -13.95 10.73
N TYR A 69 17.68 -13.17 10.56
CA TYR A 69 17.51 -11.88 11.20
C TYR A 69 16.34 -11.89 12.18
N ARG A 70 16.52 -11.24 13.33
CA ARG A 70 15.56 -11.26 14.41
C ARG A 70 15.20 -9.84 14.81
N GLY A 71 13.93 -9.50 14.68
CA GLY A 71 13.40 -8.22 15.10
C GLY A 71 12.58 -8.37 16.36
N GLU A 72 12.78 -7.47 17.31
CA GLU A 72 11.97 -7.44 18.51
C GLU A 72 11.52 -6.01 18.83
N GLY A 73 10.27 -5.87 19.21
CA GLY A 73 9.68 -4.56 19.38
C GLY A 73 8.22 -4.58 19.82
N ILE A 74 7.94 -3.81 20.89
CA ILE A 74 6.58 -3.62 21.36
C ILE A 74 5.81 -2.76 20.37
N VAL A 75 4.73 -3.32 19.83
CA VAL A 75 3.81 -2.55 19.00
C VAL A 75 2.61 -2.07 19.83
N TYR A 76 2.29 -0.79 19.71
CA TYR A 76 1.24 -0.20 20.52
C TYR A 76 -0.13 -0.40 19.87
N GLY A 77 -0.61 -1.64 19.95
CA GLY A 77 -1.92 -2.01 19.42
C GLY A 77 -2.47 -3.30 20.03
N THR A 78 -3.79 -3.49 19.91
CA THR A 78 -4.44 -4.73 20.35
C THR A 78 -3.88 -5.89 19.52
N LEU A 79 -3.82 -7.06 20.14
CA LEU A 79 -3.23 -8.26 19.54
C LEU A 79 -3.80 -8.64 18.17
N GLU A 80 -5.09 -8.41 17.95
CA GLU A 80 -5.69 -8.80 16.68
C GLU A 80 -5.67 -7.71 15.61
N GLU A 81 -5.34 -6.48 16.03
CA GLU A 81 -5.00 -5.42 15.08
C GLU A 81 -3.61 -5.68 14.48
N VAL A 82 -2.63 -6.00 15.34
CA VAL A 82 -1.28 -6.23 14.85
C VAL A 82 -1.26 -7.48 13.99
N TRP A 83 -2.08 -8.46 14.33
CA TRP A 83 -2.11 -9.69 13.57
C TRP A 83 -2.75 -9.45 12.22
N ASP A 84 -3.88 -8.74 12.23
CA ASP A 84 -4.54 -8.36 10.98
C ASP A 84 -3.62 -7.72 9.96
N CYS A 85 -2.61 -7.01 10.46
CA CYS A 85 -1.60 -6.37 9.63
C CYS A 85 -0.66 -7.37 8.95
N VAL A 86 -0.16 -8.34 9.71
CA VAL A 86 0.88 -9.24 9.20
C VAL A 86 0.36 -10.60 8.75
N LYS A 87 -0.87 -10.92 9.15
CA LYS A 87 -1.55 -12.13 8.73
C LYS A 87 -1.51 -12.33 7.20
N PRO A 88 -1.21 -13.57 6.79
CA PRO A 88 -1.40 -13.96 5.40
C PRO A 88 -2.86 -14.35 5.15
N GLY A 91 -6.64 -11.47 0.86
CA GLY A 91 -5.27 -11.77 1.59
C GLY A 91 -5.21 -10.97 2.88
N GLY A 92 -5.83 -9.79 2.85
CA GLY A 92 -5.80 -8.84 3.97
C GLY A 92 -5.01 -7.58 3.68
N LEU A 93 -3.99 -7.33 4.53
CA LEU A 93 -3.45 -5.98 4.71
C LEU A 93 -2.02 -5.67 4.23
N ARG A 94 -1.14 -6.67 4.23
CA ARG A 94 0.30 -6.45 4.08
C ARG A 94 0.74 -5.64 2.81
N VAL A 95 0.02 -5.83 1.71
CA VAL A 95 0.28 -5.11 0.44
C VAL A 95 0.36 -3.60 0.63
N LYS A 96 -0.51 -3.09 1.50
CA LYS A 96 -0.61 -1.66 1.75
C LYS A 96 0.65 -1.09 2.41
N TRP A 97 0.84 -1.39 3.68
CA TRP A 97 1.76 -0.66 4.54
C TRP A 97 3.23 -1.06 4.43
N ASP A 98 3.50 -2.27 3.97
CA ASP A 98 4.88 -2.76 3.95
C ASP A 98 5.61 -2.37 2.67
N GLU A 99 6.53 -1.41 2.79
CA GLU A 99 7.23 -0.88 1.61
C GLU A 99 7.88 -1.97 0.76
N ASN A 100 8.11 -3.14 1.36
CA ASN A 100 8.80 -4.26 0.71
C ASN A 100 7.92 -5.32 0.06
N VAL A 101 6.65 -4.97 -0.17
CA VAL A 101 5.67 -5.92 -0.70
C VAL A 101 4.78 -5.21 -1.69
N THR A 102 4.72 -5.75 -2.90
CA THR A 102 3.90 -5.17 -3.96
C THR A 102 2.75 -6.09 -4.35
N GLY A 103 2.98 -7.40 -4.27
CA GLY A 103 2.00 -8.39 -4.65
C GLY A 103 1.90 -9.56 -3.70
N PHE A 104 0.71 -9.78 -3.14
CA PHE A 104 0.44 -10.93 -2.28
C PHE A 104 -0.77 -11.71 -2.84
N GLU A 105 -0.53 -12.97 -3.16
CA GLU A 105 -1.54 -13.86 -3.74
C GLU A 105 -1.61 -15.12 -2.88
N ILE A 106 -2.82 -15.54 -2.53
CA ILE A 106 -3.00 -16.85 -1.90
C ILE A 106 -3.27 -17.81 -3.06
N ILE A 107 -2.35 -18.75 -3.26
CA ILE A 107 -2.41 -19.65 -4.42
C ILE A 107 -3.29 -20.88 -4.16
N GLN A 108 -2.84 -21.77 -3.28
CA GLN A 108 -3.57 -23.00 -2.98
C GLN A 108 -3.88 -23.00 -1.49
N SER A 109 -5.13 -22.70 -1.15
CA SER A 109 -5.59 -22.62 0.23
C SER A 109 -5.84 -24.04 0.77
N ILE A 110 -4.82 -24.66 1.36
CA ILE A 110 -4.89 -26.07 1.74
C ILE A 110 -5.85 -26.30 2.91
N THR A 111 -5.48 -25.82 4.10
CA THR A 111 -6.29 -26.01 5.29
C THR A 111 -6.94 -24.69 5.70
N ASP A 112 -7.78 -24.76 6.73
CA ASP A 112 -8.30 -23.58 7.39
C ASP A 112 -7.14 -22.62 7.61
N THR A 113 -6.00 -23.20 7.96
CA THR A 113 -4.90 -22.48 8.58
C THR A 113 -3.55 -22.59 7.82
N LEU A 114 -3.58 -23.28 6.69
CA LEU A 114 -2.36 -23.63 5.97
C LEU A 114 -2.53 -23.36 4.47
N CYS A 115 -1.59 -22.62 3.89
CA CYS A 115 -1.75 -22.15 2.51
C CYS A 115 -0.42 -21.84 1.79
N VAL A 116 -0.48 -21.74 0.47
CA VAL A 116 0.69 -21.45 -0.35
C VAL A 116 0.55 -20.07 -0.98
N SER A 117 1.55 -19.21 -0.76
CA SER A 117 1.44 -17.81 -1.15
C SER A 117 2.59 -17.33 -2.03
N ARG A 118 2.29 -16.35 -2.88
CA ARG A 118 3.29 -15.67 -3.68
C ARG A 118 3.38 -14.24 -3.17
N THR A 119 4.62 -13.79 -2.95
CA THR A 119 4.87 -12.45 -2.45
C THR A 119 5.83 -11.73 -3.40
N SER A 120 5.47 -10.50 -3.79
CA SER A 120 6.29 -9.70 -4.68
C SER A 120 6.91 -8.55 -3.90
N THR A 121 8.24 -8.43 -3.99
CA THR A 121 8.98 -7.33 -3.38
C THR A 121 9.30 -6.37 -4.51
N PRO A 122 9.52 -5.09 -4.19
CA PRO A 122 9.89 -4.22 -5.30
C PRO A 122 11.42 -4.16 -5.34
N SER A 123 11.96 -3.28 -6.17
CA SER A 123 13.37 -2.94 -6.15
C SER A 123 13.85 -2.43 -4.79
N ALA A 124 15.15 -2.57 -4.54
CA ALA A 124 15.75 -2.13 -3.29
C ALA A 124 17.21 -1.76 -3.48
N ALA A 125 17.77 -1.12 -2.45
CA ALA A 125 19.15 -0.64 -2.42
C ALA A 125 19.61 0.00 -3.73
N MET A 126 18.94 1.07 -4.13
CA MET A 126 19.37 1.89 -5.27
C MET A 126 19.24 1.10 -6.58
N LYS A 127 18.18 0.31 -6.67
CA LYS A 127 17.92 -0.59 -7.79
C LYS A 127 18.97 -1.72 -7.98
N LEU A 128 19.89 -1.89 -7.01
CA LEU A 128 20.85 -3.02 -7.01
C LEU A 128 20.17 -4.36 -6.72
N ILE A 129 19.07 -4.31 -5.97
CA ILE A 129 18.27 -5.49 -5.75
C ILE A 129 17.03 -5.32 -6.57
N SER A 130 16.99 -5.99 -7.72
CA SER A 130 15.85 -5.98 -8.61
C SER A 130 14.66 -6.76 -7.99
N PRO A 131 13.42 -6.52 -8.47
CA PRO A 131 12.27 -7.18 -7.83
C PRO A 131 12.44 -8.70 -7.69
N ARG A 132 12.10 -9.24 -6.51
CA ARG A 132 12.09 -10.70 -6.28
C ARG A 132 10.67 -11.13 -5.97
N ASP A 133 10.42 -12.42 -6.13
CA ASP A 133 9.17 -13.02 -5.67
C ASP A 133 9.45 -14.33 -4.98
N PHE A 134 8.60 -14.65 -4.00
CA PHE A 134 8.76 -15.79 -3.12
C PHE A 134 7.49 -16.61 -3.12
N VAL A 135 7.66 -17.94 -3.12
CA VAL A 135 6.55 -18.89 -3.07
C VAL A 135 6.63 -19.71 -1.77
N ASP A 136 5.82 -19.33 -0.76
CA ASP A 136 5.94 -19.93 0.58
C ASP A 136 4.82 -20.88 0.98
N LEU A 137 5.19 -21.93 1.71
CA LEU A 137 4.24 -22.66 2.53
C LEU A 137 4.13 -21.92 3.85
N VAL A 138 2.98 -21.31 4.10
CA VAL A 138 2.76 -20.52 5.31
C VAL A 138 1.64 -21.10 6.18
N LEU A 139 2.02 -21.40 7.42
CA LEU A 139 1.12 -21.99 8.41
C LEU A 139 0.95 -20.99 9.52
N VAL A 140 -0.31 -20.75 9.88
CA VAL A 140 -0.66 -19.99 11.07
C VAL A 140 -0.87 -21.00 12.19
N LYS A 141 -0.22 -20.78 13.33
CA LYS A 141 -0.36 -21.64 14.48
C LYS A 141 -0.51 -20.76 15.69
N ARG A 142 -1.40 -21.19 16.61
CA ARG A 142 -1.78 -20.39 17.76
C ARG A 142 -1.32 -21.08 19.04
N TYR A 143 -0.76 -20.31 19.96
CA TYR A 143 -0.18 -20.88 21.18
C TYR A 143 -1.07 -20.72 22.41
N GLU A 144 -0.65 -21.35 23.50
CA GLU A 144 -1.48 -21.44 24.69
C GLU A 144 -1.58 -20.12 25.44
N ASP A 145 -0.56 -19.27 25.28
CA ASP A 145 -0.51 -17.99 25.98
C ASP A 145 -1.36 -16.93 25.30
N GLY A 146 -1.78 -17.23 24.06
CA GLY A 146 -2.52 -16.30 23.22
C GLY A 146 -1.74 -15.93 21.98
N THR A 147 -0.42 -16.10 22.04
CA THR A 147 0.46 -15.85 20.92
C THR A 147 -0.14 -16.44 19.65
N ILE A 148 -0.15 -15.62 18.60
CA ILE A 148 -0.51 -16.05 17.26
C ILE A 148 0.78 -15.89 16.46
N SER A 149 1.09 -16.87 15.63
CA SER A 149 2.33 -16.82 14.85
C SER A 149 2.15 -17.13 13.37
N SER A 150 3.09 -16.65 12.55
CA SER A 150 3.11 -17.01 11.16
C SER A 150 4.43 -17.66 10.87
N ASN A 151 4.37 -18.72 10.08
CA ASN A 151 5.50 -19.61 9.88
C ASN A 151 5.55 -19.97 8.41
N ALA A 152 6.54 -19.42 7.72
CA ALA A 152 6.57 -19.48 6.29
C ALA A 152 7.88 -20.10 5.83
N THR A 153 7.81 -20.99 4.85
CA THR A 153 9.01 -21.50 4.18
C THR A 153 8.80 -21.63 2.66
N HIS A 154 9.87 -21.55 1.87
CA HIS A 154 9.74 -21.68 0.41
C HIS A 154 9.21 -23.06 0.00
N VAL A 155 8.41 -23.09 -1.08
CA VAL A 155 7.96 -24.33 -1.69
C VAL A 155 7.77 -24.15 -3.19
N GLU A 156 8.18 -25.15 -3.96
CA GLU A 156 7.91 -25.17 -5.39
C GLU A 156 6.46 -25.54 -5.64
N HIS A 157 5.79 -24.74 -6.45
CA HIS A 157 4.40 -24.97 -6.82
C HIS A 157 4.20 -24.81 -8.32
N PRO A 158 3.83 -25.90 -9.01
CA PRO A 158 3.54 -25.96 -10.44
C PRO A 158 2.59 -24.89 -11.00
N LEU A 159 1.87 -24.18 -10.14
CA LEU A 159 0.96 -23.12 -10.61
C LEU A 159 1.53 -21.73 -10.37
N CYS A 160 2.80 -21.70 -9.96
CA CYS A 160 3.50 -20.46 -9.74
C CYS A 160 5.02 -20.60 -10.02
N PRO A 161 5.39 -20.62 -11.31
CA PRO A 161 6.78 -20.79 -11.69
C PRO A 161 7.48 -19.42 -11.81
N PRO A 162 8.81 -19.38 -12.09
CA PRO A 162 9.50 -18.09 -12.21
C PRO A 162 8.82 -17.16 -13.20
N LYS A 163 8.55 -15.95 -12.74
CA LYS A 163 7.82 -14.95 -13.51
C LYS A 163 8.80 -14.04 -14.24
N PRO A 164 8.42 -13.59 -15.43
CA PRO A 164 9.31 -12.73 -16.19
C PRO A 164 9.60 -11.43 -15.44
N GLY A 165 10.89 -11.14 -15.27
CA GLY A 165 11.31 -9.89 -14.63
C GLY A 165 11.36 -9.90 -13.11
N PHE A 166 11.07 -11.05 -12.50
CA PHE A 166 11.34 -11.23 -11.06
C PHE A 166 12.42 -12.29 -10.93
N VAL A 167 13.26 -12.14 -9.91
CA VAL A 167 14.10 -13.22 -9.45
C VAL A 167 13.28 -14.05 -8.49
N ARG A 168 13.37 -15.37 -8.64
CA ARG A 168 12.77 -16.26 -7.66
C ARG A 168 13.66 -16.32 -6.41
N GLY A 169 13.17 -15.73 -5.34
CA GLY A 169 13.81 -15.86 -4.03
C GLY A 169 13.28 -17.05 -3.27
N PHE A 170 13.97 -17.41 -2.21
CA PHE A 170 13.56 -18.51 -1.37
C PHE A 170 13.66 -18.04 0.07
N ASN A 171 12.53 -17.97 0.74
CA ASN A 171 12.49 -17.78 2.18
C ASN A 171 12.76 -19.10 2.87
N HIS A 172 13.62 -19.07 3.88
CA HIS A 172 13.74 -20.18 4.81
C HIS A 172 12.89 -19.87 6.08
N PRO A 173 12.74 -20.84 7.01
CA PRO A 173 11.71 -20.64 8.06
C PRO A 173 11.74 -19.24 8.65
N CYS A 174 10.60 -18.55 8.59
CA CYS A 174 10.51 -17.14 8.94
C CYS A 174 9.09 -16.78 9.28
N GLY A 175 8.90 -15.56 9.75
CA GLY A 175 7.58 -15.05 10.03
C GLY A 175 7.50 -14.22 11.28
N CYS A 176 6.36 -14.28 11.94
CA CYS A 176 6.02 -13.39 13.03
C CYS A 176 5.45 -14.12 14.22
N PHE A 177 5.89 -13.71 15.40
CA PHE A 177 5.22 -14.04 16.66
C PHE A 177 4.47 -12.80 17.20
N CYS A 178 3.15 -12.91 17.34
CA CYS A 178 2.33 -11.87 17.95
C CYS A 178 1.96 -12.29 19.38
N GLU A 179 2.58 -11.67 20.38
CA GLU A 179 2.48 -12.13 21.78
C GLU A 179 1.78 -11.12 22.68
N PRO A 180 0.65 -11.53 23.31
CA PRO A 180 -0.08 -10.65 24.23
C PRO A 180 0.73 -10.38 25.50
N LEU A 181 0.48 -9.23 26.13
CA LEU A 181 1.29 -8.73 27.24
C LEU A 181 0.43 -8.44 28.46
N PRO A 182 0.82 -8.97 29.63
CA PRO A 182 0.05 -8.76 30.85
C PRO A 182 0.50 -7.50 31.57
N PRO A 185 -0.33 -4.93 29.19
CA PRO A 185 -1.79 -4.81 29.22
C PRO A 185 -2.39 -4.57 27.82
N THR A 186 -2.63 -3.31 27.49
CA THR A 186 -3.25 -2.92 26.20
C THR A 186 -2.28 -2.88 25.01
N LYS A 187 -1.17 -3.62 25.08
CA LYS A 187 -0.13 -3.59 24.04
C LYS A 187 0.23 -5.01 23.54
N THR A 188 1.16 -5.10 22.56
CA THR A 188 1.54 -6.37 21.94
C THR A 188 3.04 -6.45 21.59
N ASN A 189 3.68 -7.57 21.94
CA ASN A 189 5.07 -7.81 21.60
C ASN A 189 5.13 -8.54 20.27
N LEU A 190 5.94 -7.99 19.35
CA LEU A 190 6.14 -8.55 18.02
C LEU A 190 7.61 -8.93 17.77
N VAL A 191 7.85 -10.23 17.64
CA VAL A 191 9.17 -10.77 17.29
C VAL A 191 9.08 -11.41 15.92
N THR A 192 9.93 -10.95 15.00
CA THR A 192 9.85 -11.37 13.62
C THR A 192 11.21 -11.88 13.15
N PHE A 193 11.17 -12.90 12.29
CA PHE A 193 12.38 -13.44 11.70
C PHE A 193 12.33 -13.34 10.20
N PHE A 194 13.35 -12.70 9.63
CA PHE A 194 13.57 -12.66 8.19
C PHE A 194 14.66 -13.66 7.89
N HIS A 195 14.40 -14.56 6.95
CA HIS A 195 15.30 -15.68 6.71
C HIS A 195 15.38 -15.86 5.22
N THR A 196 15.82 -14.81 4.56
CA THR A 196 15.54 -14.66 3.14
C THR A 196 16.76 -14.96 2.32
N ASP A 197 16.58 -15.74 1.27
CA ASP A 197 17.62 -15.86 0.25
C ASP A 197 17.19 -15.06 -0.97
N LEU A 198 17.73 -13.86 -1.09
CA LEU A 198 17.51 -13.04 -2.27
C LEU A 198 17.86 -13.77 -3.56
N SER A 199 18.84 -14.69 -3.50
CA SER A 199 19.15 -15.55 -4.64
C SER A 199 19.60 -14.63 -5.76
N GLY A 200 19.38 -15.04 -7.01
CA GLY A 200 19.95 -14.32 -8.16
C GLY A 200 21.46 -14.23 -8.05
N TYR A 201 22.02 -13.07 -8.33
CA TYR A 201 23.47 -12.90 -8.42
C TYR A 201 23.96 -11.67 -7.67
N LEU A 202 23.92 -11.72 -6.35
CA LEU A 202 24.17 -10.53 -5.55
C LEU A 202 25.42 -10.61 -4.71
N PRO A 203 26.24 -9.54 -4.73
CA PRO A 203 27.38 -9.45 -3.81
C PRO A 203 26.85 -9.50 -2.38
N GLN A 204 27.70 -9.91 -1.43
CA GLN A 204 27.28 -9.99 -0.02
C GLN A 204 27.00 -8.64 0.60
N ASN A 205 27.97 -7.73 0.62
CA ASN A 205 27.80 -6.49 1.37
C ASN A 205 26.50 -5.75 1.05
N VAL A 206 26.06 -5.87 -0.21
CA VAL A 206 24.76 -5.34 -0.62
C VAL A 206 23.72 -5.94 0.29
N VAL A 207 23.62 -7.26 0.27
CA VAL A 207 22.65 -8.01 1.08
C VAL A 207 22.78 -7.69 2.60
N ASP A 208 24.02 -7.71 3.10
CA ASP A 208 24.30 -7.42 4.51
C ASP A 208 23.84 -6.02 4.98
N SER A 209 23.79 -5.06 4.09
CA SER A 209 23.31 -3.71 4.46
C SER A 209 21.79 -3.66 4.49
N PHE A 210 21.19 -4.33 3.51
CA PHE A 210 19.76 -4.23 3.26
C PHE A 210 18.92 -4.75 4.43
N PHE A 211 19.12 -6.01 4.80
CA PHE A 211 18.27 -6.67 5.80
C PHE A 211 18.09 -5.98 7.16
N PRO A 212 19.18 -5.65 7.88
CA PRO A 212 19.03 -4.86 9.11
C PRO A 212 18.04 -3.71 8.91
N ARG A 213 18.33 -2.86 7.92
CA ARG A 213 17.55 -1.68 7.60
C ARG A 213 16.14 -2.05 7.19
N SER A 214 16.00 -3.20 6.54
CA SER A 214 14.72 -3.67 6.08
C SER A 214 13.81 -3.97 7.29
N MET A 215 14.41 -4.56 8.33
CA MET A 215 13.68 -4.87 9.57
C MET A 215 13.23 -3.64 10.38
N THR A 216 14.12 -2.67 10.55
CA THR A 216 13.79 -1.43 11.28
C THR A 216 12.70 -0.58 10.59
N ARG A 217 12.71 -0.62 9.26
CA ARG A 217 11.69 0.00 8.42
C ARG A 217 10.36 -0.76 8.47
N PHE A 218 10.46 -2.09 8.55
CA PHE A 218 9.30 -2.95 8.66
C PHE A 218 8.47 -2.57 9.89
N TYR A 219 9.14 -2.43 11.03
CA TYR A 219 8.48 -2.07 12.28
C TYR A 219 7.99 -0.64 12.27
N ALA A 220 8.82 0.26 11.75
CA ALA A 220 8.40 1.64 11.56
C ALA A 220 7.05 1.66 10.80
N ASN A 221 6.97 0.93 9.69
CA ASN A 221 5.75 0.86 8.88
C ASN A 221 4.59 0.25 9.63
N LEU A 222 4.82 -0.95 10.16
CA LEU A 222 3.80 -1.65 10.94
C LEU A 222 3.12 -0.74 11.98
N GLN A 223 3.92 0.11 12.64
CA GLN A 223 3.40 1.00 13.69
C GLN A 223 2.37 2.00 13.15
N LYS A 224 2.74 2.65 12.05
CA LYS A 224 1.89 3.59 11.34
C LYS A 224 0.53 2.97 10.99
N ALA A 225 0.59 1.68 10.54
CA ALA A 225 -0.64 0.98 10.10
C ALA A 225 -1.56 0.75 11.29
N VAL A 226 -0.98 0.33 12.40
CA VAL A 226 -1.71 0.18 13.66
C VAL A 226 -2.38 1.49 14.06
N LYS A 227 -1.59 2.58 14.09
CA LYS A 227 -2.09 3.87 14.55
C LYS A 227 -3.35 4.30 13.82
N GLN A 228 -3.45 3.92 12.55
CA GLN A 228 -4.58 4.27 11.69
C GLN A 228 -5.94 3.74 12.18
N PHE A 229 -5.92 2.67 12.97
CA PHE A 229 -7.17 2.15 13.57
C PHE A 229 -7.51 2.88 14.87
N HIS A 230 -6.52 3.50 15.49
CA HIS A 230 -6.76 4.30 16.69
C HIS A 230 -7.02 5.78 16.38
N GLU A 231 -7.32 6.04 15.11
CA GLU A 231 -7.51 7.39 14.57
C GLU A 231 -8.68 7.39 13.57
N PHE B 20 -20.88 4.70 -29.70
CA PHE B 20 -20.42 4.47 -28.31
C PHE B 20 -19.15 5.25 -28.02
N GLN B 21 -18.13 4.98 -28.81
CA GLN B 21 -16.84 5.66 -28.71
C GLN B 21 -17.05 7.15 -28.64
N SER B 22 -17.72 7.67 -29.68
CA SER B 22 -17.98 9.08 -29.88
C SER B 22 -18.60 9.79 -28.67
N MET B 23 -19.13 9.02 -27.72
CA MET B 23 -19.76 9.66 -26.58
C MET B 23 -19.14 9.29 -25.24
N ALA B 24 -18.63 8.07 -25.14
CA ALA B 24 -17.68 7.73 -24.10
C ALA B 24 -16.53 8.73 -24.11
N ALA B 25 -16.02 9.03 -25.29
CA ALA B 25 -14.97 10.01 -25.46
C ALA B 25 -15.50 11.40 -25.14
N GLN B 26 -16.77 11.61 -25.47
CA GLN B 26 -17.37 12.92 -25.38
C GLN B 26 -17.58 13.37 -23.95
N MET B 27 -18.29 12.59 -23.14
CA MET B 27 -18.57 13.03 -21.78
C MET B 27 -17.32 13.09 -20.93
N SER B 28 -16.32 12.30 -21.28
CA SER B 28 -15.02 12.37 -20.64
C SER B 28 -14.25 13.61 -21.06
N GLU B 29 -14.41 14.02 -22.31
CA GLU B 29 -13.81 15.27 -22.78
C GLU B 29 -14.38 16.48 -22.05
N ALA B 30 -15.69 16.50 -21.86
CA ALA B 30 -16.34 17.50 -21.00
C ALA B 30 -15.69 17.57 -19.61
N VAL B 31 -15.28 16.42 -19.11
CA VAL B 31 -14.72 16.32 -17.76
C VAL B 31 -13.40 17.06 -17.68
N ALA B 32 -12.48 16.73 -18.58
CA ALA B 32 -11.21 17.41 -18.69
C ALA B 32 -11.38 18.92 -18.95
N GLU B 33 -12.29 19.30 -19.83
CA GLU B 33 -12.62 20.73 -20.04
C GLU B 33 -12.93 21.46 -18.73
N LYS B 34 -13.79 20.87 -17.90
CA LYS B 34 -14.11 21.44 -16.57
C LYS B 34 -12.88 21.49 -15.66
N MET B 35 -12.12 20.41 -15.68
CA MET B 35 -10.89 20.34 -14.94
C MET B 35 -9.95 21.46 -15.35
N LEU B 36 -9.81 21.68 -16.65
CA LEU B 36 -8.99 22.78 -17.14
C LEU B 36 -9.46 24.13 -16.58
N GLN B 37 -10.76 24.33 -16.54
CA GLN B 37 -11.32 25.57 -16.02
C GLN B 37 -11.08 25.69 -14.50
N TYR B 38 -11.16 24.58 -13.76
CA TYR B 38 -10.83 24.59 -12.34
C TYR B 38 -9.37 24.98 -12.11
N ARG B 39 -8.48 24.63 -13.04
CA ARG B 39 -7.07 24.86 -12.83
C ARG B 39 -6.76 26.34 -13.03
N ARG B 40 -7.45 26.95 -13.98
CA ARG B 40 -7.21 28.35 -14.34
C ARG B 40 -7.92 29.29 -13.38
N ASP B 41 -9.13 28.95 -12.96
CA ASP B 41 -9.94 29.85 -12.17
C ASP B 41 -9.21 30.30 -10.90
N THR B 42 -9.28 31.58 -10.59
CA THR B 42 -8.75 32.06 -9.32
C THR B 42 -9.87 32.55 -8.39
N ALA B 43 -11.10 32.58 -8.89
CA ALA B 43 -12.24 33.05 -8.11
C ALA B 43 -12.90 31.94 -7.33
N GLY B 44 -13.70 32.34 -6.33
CA GLY B 44 -14.44 31.41 -5.50
C GLY B 44 -13.57 30.81 -4.42
N TRP B 45 -12.36 30.39 -4.79
CA TRP B 45 -11.44 29.66 -3.91
C TRP B 45 -11.18 30.32 -2.54
N LYS B 46 -11.63 29.68 -1.46
CA LYS B 46 -11.35 30.15 -0.10
C LYS B 46 -10.41 29.17 0.60
N ILE B 47 -9.31 29.70 1.15
CA ILE B 47 -8.25 28.87 1.73
C ILE B 47 -8.66 28.09 3.00
N CYS B 48 -8.29 26.81 3.07
CA CYS B 48 -8.50 26.02 4.31
C CYS B 48 -7.28 26.19 5.19
N ARG B 49 -6.18 25.63 4.70
CA ARG B 49 -4.94 25.50 5.45
C ARG B 49 -3.76 25.56 4.50
N GLU B 50 -2.56 25.47 5.08
CA GLU B 50 -1.31 25.48 4.35
C GLU B 50 -0.23 24.79 5.18
N GLY B 51 1.00 25.28 5.08
CA GLY B 51 2.12 24.69 5.79
C GLY B 51 3.12 24.06 4.85
N ASN B 52 3.83 23.05 5.35
CA ASN B 52 4.91 22.41 4.60
C ASN B 52 4.46 21.79 3.27
N GLY B 53 5.01 22.36 2.19
CA GLY B 53 4.82 21.84 0.85
C GLY B 53 3.49 22.20 0.20
N VAL B 54 2.39 21.91 0.89
CA VAL B 54 1.06 21.94 0.32
C VAL B 54 0.28 23.20 0.65
N SER B 55 -0.89 23.30 0.02
CA SER B 55 -1.85 24.38 0.18
C SER B 55 -3.20 23.89 -0.35
N VAL B 56 -4.21 23.91 0.51
CA VAL B 56 -5.50 23.46 0.06
C VAL B 56 -6.55 24.55 0.27
N SER B 57 -7.43 24.66 -0.72
CA SER B 57 -8.54 25.58 -0.63
C SER B 57 -9.78 24.89 -1.17
N TRP B 58 -10.94 25.51 -1.01
CA TRP B 58 -12.18 24.88 -1.42
C TRP B 58 -13.07 25.91 -2.07
N ARG B 59 -14.17 25.43 -2.65
CA ARG B 59 -15.27 26.29 -3.08
C ARG B 59 -16.53 25.45 -3.30
N PRO B 60 -17.72 26.08 -3.27
CA PRO B 60 -18.93 25.31 -3.55
C PRO B 60 -18.85 24.67 -4.95
N SER B 61 -19.09 23.37 -5.03
CA SER B 61 -19.26 22.66 -6.29
C SER B 61 -20.56 23.11 -6.93
N VAL B 62 -20.60 23.16 -8.27
CA VAL B 62 -21.87 23.34 -9.00
C VAL B 62 -22.44 21.98 -9.44
N GLU B 63 -21.70 20.91 -9.20
CA GLU B 63 -22.11 19.55 -9.56
C GLU B 63 -23.07 18.89 -8.56
N PHE B 64 -23.00 19.29 -7.28
CA PHE B 64 -23.76 18.66 -6.18
C PHE B 64 -23.72 19.59 -4.96
N PRO B 65 -24.62 19.37 -3.96
CA PRO B 65 -24.65 20.29 -2.79
C PRO B 65 -23.26 20.65 -2.19
N GLY B 66 -22.33 19.69 -2.10
CA GLY B 66 -21.06 19.89 -1.41
C GLY B 66 -19.99 20.78 -2.07
N ASN B 67 -18.72 20.44 -1.85
CA ASN B 67 -17.62 21.29 -2.23
C ASN B 67 -16.62 20.68 -3.22
N LEU B 68 -15.81 21.53 -3.84
CA LEU B 68 -14.69 21.10 -4.66
C LEU B 68 -13.42 21.56 -3.96
N TYR B 69 -12.45 20.66 -3.88
CA TYR B 69 -11.20 20.88 -3.14
C TYR B 69 -9.99 20.94 -4.08
N ARG B 70 -9.06 21.85 -3.80
CA ARG B 70 -7.95 22.13 -4.67
C ARG B 70 -6.67 22.05 -3.86
N GLY B 71 -5.78 21.16 -4.27
CA GLY B 71 -4.50 21.02 -3.65
C GLY B 71 -3.45 21.49 -4.62
N GLU B 72 -2.47 22.23 -4.11
CA GLU B 72 -1.35 22.66 -4.92
C GLU B 72 -0.05 22.51 -4.14
N GLY B 73 0.95 21.96 -4.81
CA GLY B 73 2.21 21.65 -4.18
C GLY B 73 3.25 21.16 -5.17
N ILE B 74 4.49 21.62 -4.94
CA ILE B 74 5.64 21.14 -5.69
C ILE B 74 6.07 19.78 -5.15
N VAL B 75 6.05 18.78 -6.02
CA VAL B 75 6.60 17.47 -5.66
C VAL B 75 8.02 17.33 -6.21
N TYR B 76 8.93 16.91 -5.35
CA TYR B 76 10.33 16.83 -5.70
C TYR B 76 10.63 15.51 -6.39
N GLY B 77 10.29 15.45 -7.68
CA GLY B 77 10.56 14.28 -8.52
C GLY B 77 10.41 14.57 -10.00
N THR B 78 10.86 13.62 -10.83
CA THR B 78 10.69 13.73 -12.28
C THR B 78 9.23 13.62 -12.62
N LEU B 79 8.83 14.27 -13.71
CA LEU B 79 7.44 14.34 -14.15
C LEU B 79 6.78 12.97 -14.34
N GLU B 80 7.55 11.97 -14.74
CA GLU B 80 6.95 10.66 -15.01
C GLU B 80 6.95 9.71 -13.81
N GLU B 81 7.80 10.01 -12.83
CA GLU B 81 7.72 9.39 -11.51
C GLU B 81 6.44 9.80 -10.79
N VAL B 82 6.17 11.10 -10.75
CA VAL B 82 4.99 11.60 -10.06
C VAL B 82 3.73 11.11 -10.76
N TRP B 83 3.80 10.97 -12.08
CA TRP B 83 2.65 10.50 -12.83
C TRP B 83 2.45 9.02 -12.59
N ASP B 84 3.53 8.24 -12.63
CA ASP B 84 3.45 6.82 -12.34
C ASP B 84 2.77 6.50 -11.01
N CYS B 85 2.95 7.41 -10.06
CA CYS B 85 2.27 7.34 -8.78
C CYS B 85 0.75 7.51 -8.85
N VAL B 86 0.28 8.51 -9.60
CA VAL B 86 -1.14 8.89 -9.57
C VAL B 86 -1.93 8.39 -10.78
N LYS B 87 -1.20 8.01 -11.82
CA LYS B 87 -1.77 7.40 -13.02
C LYS B 87 -2.72 6.25 -12.69
N PRO B 88 -3.89 6.25 -13.35
CA PRO B 88 -4.76 5.07 -13.36
C PRO B 88 -4.27 4.02 -14.37
N GLY B 91 -2.89 -2.00 -12.40
CA GLY B 91 -3.24 -0.51 -12.80
C GLY B 91 -2.12 0.44 -12.37
N GLY B 92 -1.06 -0.15 -11.79
CA GLY B 92 0.09 0.63 -11.29
C GLY B 92 0.13 0.78 -9.76
N LEU B 93 0.36 2.03 -9.31
CA LEU B 93 0.93 2.28 -7.97
C LEU B 93 0.00 2.71 -6.82
N ARG B 94 -1.09 3.43 -7.14
CA ARG B 94 -1.87 4.15 -6.12
C ARG B 94 -2.34 3.35 -4.88
N VAL B 95 -2.59 2.05 -5.07
CA VAL B 95 -3.05 1.15 -3.99
C VAL B 95 -2.06 1.14 -2.82
N LYS B 96 -0.79 1.25 -3.14
CA LYS B 96 0.27 1.18 -2.17
C LYS B 96 0.27 2.40 -1.24
N TRP B 97 0.66 3.55 -1.76
CA TRP B 97 1.04 4.68 -0.93
C TRP B 97 -0.12 5.52 -0.40
N ASP B 98 -1.26 5.49 -1.07
CA ASP B 98 -2.37 6.36 -0.68
C ASP B 98 -3.24 5.76 0.42
N GLU B 99 -3.08 6.29 1.63
CA GLU B 99 -3.79 5.76 2.79
C GLU B 99 -5.31 5.62 2.55
N ASN B 100 -5.83 6.36 1.57
CA ASN B 100 -7.26 6.40 1.26
C ASN B 100 -7.77 5.47 0.16
N VAL B 101 -6.92 4.52 -0.23
CA VAL B 101 -7.24 3.62 -1.32
C VAL B 101 -6.85 2.20 -0.96
N THR B 102 -7.81 1.29 -1.03
CA THR B 102 -7.58 -0.11 -0.73
C THR B 102 -7.69 -0.99 -1.97
N GLY B 103 -8.58 -0.61 -2.89
CA GLY B 103 -8.82 -1.39 -4.09
C GLY B 103 -8.96 -0.55 -5.36
N PHE B 104 -8.12 -0.83 -6.34
CA PHE B 104 -8.18 -0.17 -7.65
C PHE B 104 -8.26 -1.22 -8.76
N GLU B 105 -9.35 -1.18 -9.52
CA GLU B 105 -9.61 -2.15 -10.58
C GLU B 105 -9.90 -1.37 -11.84
N ILE B 106 -9.27 -1.78 -12.95
CA ILE B 106 -9.61 -1.24 -14.26
C ILE B 106 -10.68 -2.19 -14.82
N ILE B 107 -11.90 -1.68 -14.97
CA ILE B 107 -13.04 -2.52 -15.36
C ILE B 107 -13.15 -2.70 -16.88
N GLN B 108 -13.49 -1.64 -17.59
CA GLN B 108 -13.65 -1.69 -19.04
C GLN B 108 -12.66 -0.70 -19.66
N SER B 109 -11.58 -1.25 -20.21
CA SER B 109 -10.51 -0.45 -20.82
C SER B 109 -10.92 -0.01 -22.23
N ILE B 110 -11.58 1.15 -22.32
CA ILE B 110 -12.18 1.60 -23.58
C ILE B 110 -11.15 1.95 -24.65
N THR B 111 -10.39 3.01 -24.41
CA THR B 111 -9.40 3.49 -25.37
C THR B 111 -7.99 3.23 -24.83
N ASP B 112 -7.00 3.54 -25.64
CA ASP B 112 -5.62 3.61 -25.20
C ASP B 112 -5.57 4.37 -23.88
N THR B 113 -6.42 5.39 -23.78
CA THR B 113 -6.27 6.46 -22.82
C THR B 113 -7.54 6.74 -21.96
N LEU B 114 -8.57 5.94 -22.16
CA LEU B 114 -9.87 6.16 -21.55
C LEU B 114 -10.39 4.83 -21.00
N CYS B 115 -10.81 4.84 -19.73
CA CYS B 115 -11.17 3.60 -19.04
C CYS B 115 -12.13 3.81 -17.85
N VAL B 116 -12.77 2.74 -17.43
CA VAL B 116 -13.72 2.78 -16.32
C VAL B 116 -13.13 2.02 -15.11
N SER B 117 -13.07 2.71 -13.96
CA SER B 117 -12.35 2.19 -12.80
C SER B 117 -13.19 2.14 -11.54
N ARG B 118 -12.89 1.17 -10.68
CA ARG B 118 -13.48 1.04 -9.36
C ARG B 118 -12.40 1.29 -8.33
N THR B 119 -12.68 2.20 -7.40
CA THR B 119 -11.73 2.58 -6.36
C THR B 119 -12.37 2.35 -5.00
N SER B 120 -11.67 1.65 -4.12
CA SER B 120 -12.14 1.39 -2.77
C SER B 120 -11.37 2.25 -1.78
N THR B 121 -12.11 2.93 -0.92
CA THR B 121 -11.51 3.71 0.17
C THR B 121 -11.70 2.90 1.44
N PRO B 122 -10.89 3.15 2.47
CA PRO B 122 -11.18 2.39 3.68
C PRO B 122 -12.03 3.28 4.58
N SER B 123 -12.25 2.86 5.82
CA SER B 123 -12.85 3.70 6.85
C SER B 123 -12.05 4.98 7.10
N ALA B 124 -12.73 5.99 7.66
CA ALA B 124 -12.13 7.28 7.94
C ALA B 124 -12.88 8.01 9.06
N ALA B 125 -12.24 9.06 9.58
CA ALA B 125 -12.74 9.86 10.70
C ALA B 125 -13.30 9.05 11.85
N MET B 126 -12.48 8.17 12.41
CA MET B 126 -12.84 7.44 13.62
C MET B 126 -13.98 6.45 13.32
N LYS B 127 -13.90 5.84 12.14
CA LYS B 127 -14.92 4.90 11.65
C LYS B 127 -16.33 5.54 11.40
N LEU B 128 -16.41 6.87 11.46
CA LEU B 128 -17.63 7.63 11.11
C LEU B 128 -17.92 7.59 9.62
N ILE B 129 -16.85 7.47 8.83
CA ILE B 129 -16.98 7.31 7.40
C ILE B 129 -16.61 5.88 7.11
N SER B 130 -17.63 5.05 6.90
CA SER B 130 -17.42 3.66 6.58
C SER B 130 -16.89 3.50 5.13
N PRO B 131 -16.31 2.34 4.77
CA PRO B 131 -15.73 2.24 3.43
C PRO B 131 -16.69 2.63 2.30
N ARG B 132 -16.19 3.43 1.34
CA ARG B 132 -16.94 3.78 0.13
C ARG B 132 -16.22 3.21 -1.08
N ASP B 133 -16.94 3.06 -2.18
CA ASP B 133 -16.33 2.77 -3.48
C ASP B 133 -16.91 3.66 -4.57
N PHE B 134 -16.10 3.89 -5.60
CA PHE B 134 -16.38 4.85 -6.66
C PHE B 134 -16.15 4.19 -7.99
N VAL B 135 -17.02 4.51 -8.96
CA VAL B 135 -16.95 3.94 -10.30
C VAL B 135 -16.81 5.09 -11.28
N ASP B 136 -15.57 5.34 -11.74
CA ASP B 136 -15.28 6.54 -12.54
C ASP B 136 -14.98 6.29 -14.01
N LEU B 137 -15.44 7.21 -14.84
CA LEU B 137 -14.91 7.36 -16.19
C LEU B 137 -13.67 8.24 -16.07
N VAL B 138 -12.51 7.64 -16.29
CA VAL B 138 -11.23 8.35 -16.15
C VAL B 138 -10.46 8.43 -17.47
N LEU B 139 -10.17 9.66 -17.86
CA LEU B 139 -9.49 9.98 -19.10
C LEU B 139 -8.18 10.67 -18.80
N VAL B 140 -7.11 10.10 -19.35
CA VAL B 140 -5.80 10.72 -19.35
C VAL B 140 -5.69 11.58 -20.59
N LYS B 141 -5.28 12.83 -20.41
CA LYS B 141 -5.12 13.76 -21.52
C LYS B 141 -3.83 14.49 -21.28
N ARG B 142 -3.09 14.72 -22.36
CA ARG B 142 -1.76 15.30 -22.29
C ARG B 142 -1.76 16.66 -22.95
N TYR B 143 -1.12 17.64 -22.31
CA TYR B 143 -1.13 19.00 -22.83
C TYR B 143 0.16 19.40 -23.57
N GLU B 144 0.13 20.59 -24.16
CA GLU B 144 1.19 21.03 -25.05
C GLU B 144 2.48 21.39 -24.32
N ASP B 145 2.34 21.86 -23.08
CA ASP B 145 3.49 22.26 -22.28
C ASP B 145 4.24 21.07 -21.70
N GLY B 146 3.57 19.91 -21.67
CA GLY B 146 4.14 18.68 -21.12
C GLY B 146 3.24 18.09 -20.06
N THR B 147 2.42 18.97 -19.48
CA THR B 147 1.44 18.61 -18.48
C THR B 147 0.71 17.32 -18.88
N ILE B 148 0.65 16.39 -17.93
CA ILE B 148 -0.13 15.17 -18.08
C ILE B 148 -1.20 15.31 -17.01
N SER B 149 -2.44 14.94 -17.34
CA SER B 149 -3.53 15.09 -16.37
C SER B 149 -4.43 13.86 -16.28
N SER B 150 -5.07 13.70 -15.13
CA SER B 150 -6.09 12.69 -14.98
C SER B 150 -7.41 13.38 -14.69
N ASN B 151 -8.46 12.88 -15.33
CA ASN B 151 -9.76 13.51 -15.33
C ASN B 151 -10.78 12.41 -15.13
N ALA B 152 -11.43 12.44 -13.98
CA ALA B 152 -12.25 11.34 -13.56
C ALA B 152 -13.64 11.85 -13.18
N THR B 153 -14.68 11.15 -13.62
CA THR B 153 -16.04 11.42 -13.17
C THR B 153 -16.81 10.11 -12.92
N HIS B 154 -17.83 10.14 -12.05
CA HIS B 154 -18.64 8.94 -11.78
C HIS B 154 -19.37 8.44 -13.04
N VAL B 155 -19.54 7.13 -13.14
CA VAL B 155 -20.37 6.52 -14.18
C VAL B 155 -20.98 5.21 -13.71
N GLU B 156 -22.23 4.98 -14.07
CA GLU B 156 -22.88 3.71 -13.77
C GLU B 156 -22.41 2.67 -14.76
N HIS B 157 -21.97 1.53 -14.24
CA HIS B 157 -21.51 0.43 -15.08
C HIS B 157 -22.12 -0.89 -14.61
N PRO B 158 -22.95 -1.51 -15.45
CA PRO B 158 -23.62 -2.81 -15.23
C PRO B 158 -22.71 -3.96 -14.73
N LEU B 159 -21.39 -3.81 -14.85
CA LEU B 159 -20.46 -4.86 -14.37
C LEU B 159 -19.81 -4.47 -13.05
N CYS B 160 -20.31 -3.39 -12.46
CA CYS B 160 -19.83 -2.94 -11.18
C CYS B 160 -20.93 -2.23 -10.37
N PRO B 161 -21.87 -3.01 -9.80
CA PRO B 161 -22.97 -2.43 -9.05
C PRO B 161 -22.60 -2.27 -7.56
N PRO B 162 -23.51 -1.68 -6.73
CA PRO B 162 -23.18 -1.53 -5.30
C PRO B 162 -22.75 -2.84 -4.66
N LYS B 163 -21.63 -2.77 -3.95
CA LYS B 163 -21.00 -3.93 -3.35
C LYS B 163 -21.39 -4.03 -1.87
N PRO B 164 -21.54 -5.25 -1.37
CA PRO B 164 -21.93 -5.41 0.02
C PRO B 164 -20.90 -4.77 0.95
N GLY B 165 -21.38 -3.94 1.89
CA GLY B 165 -20.50 -3.31 2.86
C GLY B 165 -19.73 -2.08 2.40
N PHE B 166 -19.93 -1.66 1.16
CA PHE B 166 -19.44 -0.35 0.72
C PHE B 166 -20.62 0.56 0.46
N VAL B 167 -20.41 1.86 0.67
CA VAL B 167 -21.32 2.86 0.17
C VAL B 167 -20.83 3.22 -1.22
N ARG B 168 -21.77 3.30 -2.16
CA ARG B 168 -21.45 3.80 -3.47
C ARG B 168 -21.34 5.33 -3.38
N GLY B 169 -20.11 5.82 -3.53
CA GLY B 169 -19.85 7.25 -3.67
C GLY B 169 -19.87 7.65 -5.13
N PHE B 170 -19.88 8.95 -5.37
CA PHE B 170 -19.85 9.47 -6.72
C PHE B 170 -18.84 10.61 -6.73
N ASN B 171 -17.79 10.44 -7.52
CA ASN B 171 -16.87 11.53 -7.79
C ASN B 171 -17.45 12.39 -8.88
N HIS B 172 -17.37 13.70 -8.70
CA HIS B 172 -17.61 14.66 -9.76
C HIS B 172 -16.25 15.08 -10.36
N PRO B 173 -16.22 15.84 -11.48
CA PRO B 173 -14.95 16.01 -12.20
C PRO B 173 -13.77 16.31 -11.28
N CYS B 174 -12.73 15.50 -11.38
CA CYS B 174 -11.64 15.54 -10.40
C CYS B 174 -10.41 14.89 -10.99
N GLY B 175 -9.31 14.99 -10.27
CA GLY B 175 -8.07 14.33 -10.68
C GLY B 175 -6.85 15.18 -10.48
N CYS B 176 -5.87 15.02 -11.35
CA CYS B 176 -4.53 15.56 -11.15
C CYS B 176 -3.98 16.22 -12.39
N PHE B 177 -3.35 17.37 -12.19
CA PHE B 177 -2.47 17.96 -13.18
C PHE B 177 -0.98 17.76 -12.78
N CYS B 178 -0.23 17.08 -13.64
CA CYS B 178 1.22 16.93 -13.48
C CYS B 178 1.93 17.88 -14.45
N GLU B 179 2.56 18.93 -13.91
CA GLU B 179 3.07 20.04 -14.73
C GLU B 179 4.58 20.24 -14.60
N PRO B 180 5.31 20.07 -15.71
CA PRO B 180 6.77 20.24 -15.73
C PRO B 180 7.19 21.69 -15.47
N LEU B 181 8.35 21.86 -14.82
CA LEU B 181 8.81 23.16 -14.36
C LEU B 181 10.13 23.57 -14.98
N PRO B 182 10.21 24.80 -15.52
CA PRO B 182 11.44 25.24 -16.17
C PRO B 182 12.39 25.91 -15.17
N PRO B 185 13.08 23.27 -13.03
CA PRO B 185 14.02 22.28 -13.59
C PRO B 185 13.67 20.84 -13.22
N THR B 186 14.46 20.24 -12.33
CA THR B 186 14.35 18.82 -11.97
C THR B 186 13.18 18.48 -11.03
N LYS B 187 12.12 19.30 -11.04
CA LYS B 187 10.98 19.14 -10.14
C LYS B 187 9.63 19.13 -10.90
N THR B 188 8.52 18.93 -10.17
CA THR B 188 7.17 18.87 -10.77
C THR B 188 6.07 19.54 -9.91
N ASN B 189 5.23 20.35 -10.54
CA ASN B 189 4.08 20.95 -9.88
C ASN B 189 2.87 20.02 -10.00
N LEU B 190 2.25 19.72 -8.86
CA LEU B 190 1.05 18.88 -8.77
C LEU B 190 -0.17 19.61 -8.17
N VAL B 191 -1.17 19.81 -9.02
CA VAL B 191 -2.44 20.43 -8.62
C VAL B 191 -3.53 19.38 -8.78
N THR B 192 -4.20 19.08 -7.67
CA THR B 192 -5.19 18.02 -7.64
C THR B 192 -6.52 18.57 -7.16
N PHE B 193 -7.60 18.01 -7.73
CA PHE B 193 -8.93 18.34 -7.29
C PHE B 193 -9.65 17.13 -6.76
N PHE B 194 -10.21 17.28 -5.56
CA PHE B 194 -11.09 16.28 -4.96
C PHE B 194 -12.49 16.83 -5.07
N HIS B 195 -13.38 16.02 -5.62
CA HIS B 195 -14.72 16.51 -5.94
C HIS B 195 -15.65 15.41 -5.60
N THR B 196 -15.66 15.05 -4.33
CA THR B 196 -16.18 13.77 -3.92
C THR B 196 -17.51 13.90 -3.24
N ASP B 197 -18.46 13.07 -3.66
CA ASP B 197 -19.68 12.91 -2.91
C ASP B 197 -19.63 11.61 -2.13
N LEU B 198 -19.27 11.71 -0.86
CA LEU B 198 -19.26 10.54 -0.01
C LEU B 198 -20.60 9.83 0.01
N SER B 199 -21.70 10.59 -0.15
CA SER B 199 -23.02 9.99 -0.33
C SER B 199 -23.36 9.27 0.98
N GLY B 200 -24.18 8.22 0.92
CA GLY B 200 -24.68 7.58 2.13
C GLY B 200 -25.43 8.58 2.99
N TYR B 201 -25.18 8.57 4.29
CA TYR B 201 -25.96 9.34 5.24
C TYR B 201 -25.07 10.06 6.26
N LEU B 202 -24.36 11.07 5.80
CA LEU B 202 -23.33 11.71 6.62
C LEU B 202 -23.63 13.14 6.98
N PRO B 203 -23.48 13.50 8.27
CA PRO B 203 -23.56 14.91 8.66
C PRO B 203 -22.52 15.72 7.91
N GLN B 204 -22.73 17.03 7.76
CA GLN B 204 -21.77 17.88 7.07
C GLN B 204 -20.44 18.03 7.79
N ASN B 205 -20.45 18.56 9.01
CA ASN B 205 -19.18 18.86 9.67
C ASN B 205 -18.17 17.70 9.63
N VAL B 206 -18.66 16.47 9.73
CA VAL B 206 -17.84 15.28 9.50
C VAL B 206 -17.10 15.42 8.18
N VAL B 207 -17.87 15.53 7.10
CA VAL B 207 -17.32 15.67 5.74
C VAL B 207 -16.38 16.89 5.59
N ASP B 208 -16.81 18.04 6.11
CA ASP B 208 -16.03 19.27 6.07
C ASP B 208 -14.65 19.19 6.77
N SER B 209 -14.51 18.33 7.77
CA SER B 209 -13.23 18.18 8.45
C SER B 209 -12.31 17.26 7.66
N PHE B 210 -12.90 16.21 7.10
CA PHE B 210 -12.17 15.13 6.49
C PHE B 210 -11.37 15.58 5.27
N PHE B 211 -12.05 16.16 4.28
CA PHE B 211 -11.42 16.50 3.01
C PHE B 211 -10.15 17.34 3.02
N PRO B 212 -10.18 18.54 3.65
CA PRO B 212 -8.94 19.32 3.80
C PRO B 212 -7.77 18.44 4.22
N ARG B 213 -7.96 17.74 5.35
CA ARG B 213 -6.96 16.87 5.94
C ARG B 213 -6.60 15.72 5.01
N SER B 214 -7.57 15.27 4.23
CA SER B 214 -7.36 14.18 3.29
C SER B 214 -6.38 14.63 2.22
N MET B 215 -6.50 15.88 1.79
CA MET B 215 -5.62 16.44 0.75
C MET B 215 -4.16 16.63 1.23
N THR B 216 -3.99 17.16 2.44
CA THR B 216 -2.64 17.39 3.00
C THR B 216 -1.90 16.06 3.26
N ARG B 217 -2.68 15.04 3.61
CA ARG B 217 -2.18 13.69 3.80
C ARG B 217 -1.85 13.02 2.47
N PHE B 218 -2.65 13.34 1.46
CA PHE B 218 -2.45 12.80 0.12
C PHE B 218 -1.05 13.20 -0.39
N TYR B 219 -0.74 14.50 -0.31
CA TYR B 219 0.57 15.01 -0.72
C TYR B 219 1.71 14.53 0.16
N ALA B 220 1.48 14.50 1.47
CA ALA B 220 2.50 13.92 2.37
C ALA B 220 2.88 12.51 1.89
N ASN B 221 1.88 11.65 1.69
CA ASN B 221 2.08 10.29 1.16
C ASN B 221 2.77 10.27 -0.19
N LEU B 222 2.20 10.99 -1.16
CA LEU B 222 2.77 11.05 -2.51
C LEU B 222 4.26 11.33 -2.48
N GLN B 223 4.67 12.31 -1.65
CA GLN B 223 6.08 12.69 -1.52
C GLN B 223 6.99 11.53 -1.17
N LYS B 224 6.60 10.81 -0.11
CA LYS B 224 7.31 9.62 0.36
C LYS B 224 7.56 8.64 -0.80
N ALA B 225 6.44 8.21 -1.44
CA ALA B 225 6.50 7.27 -2.57
C ALA B 225 7.52 7.69 -3.65
N VAL B 226 7.48 8.98 -4.02
CA VAL B 226 8.48 9.57 -4.91
C VAL B 226 9.91 9.33 -4.40
N LYS B 227 10.18 9.76 -3.17
CA LYS B 227 11.52 9.64 -2.58
C LYS B 227 12.08 8.24 -2.71
N GLN B 228 11.20 7.24 -2.68
CA GLN B 228 11.59 5.83 -2.72
C GLN B 228 12.32 5.44 -4.02
N PHE B 229 12.09 6.18 -5.10
CA PHE B 229 12.82 5.96 -6.35
C PHE B 229 14.17 6.67 -6.37
N HIS B 230 14.32 7.67 -5.51
CA HIS B 230 15.60 8.39 -5.38
C HIS B 230 16.47 7.79 -4.28
N GLU B 231 16.12 6.58 -3.85
CA GLU B 231 16.74 5.88 -2.73
C GLU B 231 16.88 4.39 -3.07
#